data_3CFZ
#
_entry.id   3CFZ
#
_cell.length_a   37.880
_cell.length_b   89.589
_cell.length_c   97.868
_cell.angle_alpha   90.00
_cell.angle_beta   90.00
_cell.angle_gamma   90.00
#
_symmetry.space_group_name_H-M   'P 21 21 21'
#
loop_
_entity.id
_entity.type
_entity.pdbx_description
1 polymer 'UPF0100 protein MJ1186'
2 non-polymer TUNGSTATE(VI)ION
3 water water
#
_entity_poly.entity_id   1
_entity_poly.type   'polypeptide(L)'
_entity_poly.pdbx_seq_one_letter_code
;GHMKIVLKIFHAGSLSVPFEEYEKMFEKEHPNVDVEREPAGSVACVRKIIDLGKKADILASADYSLIPQMMMPKYADWYV
MFARNEIVLAYTDKSKYKDEINSTNWYKILQRPDVKIGFSNPNDDPCGYRTQMVLQLAELYYKDPTIYDNLVLKHSNIKV
EENNGTYLILVPKELDVDTNKLFVRSKETDLLAPLEAGAFDYLFIYKSVANQHHLKYIELPKEINLGYYEYADTYKKVAL
KIIAKNKTINAKPIVYGMTVPTNAPHKKEAIEFVKFVLGHPEVLENNGQPAI
;
_entity_poly.pdbx_strand_id   A
#
# COMPACT_ATOMS: atom_id res chain seq x y z
N LYS A 4 30.98 -12.82 4.76
CA LYS A 4 29.97 -11.74 4.96
C LYS A 4 28.76 -11.96 4.06
N ILE A 5 27.87 -12.84 4.48
CA ILE A 5 26.66 -13.15 3.73
C ILE A 5 25.76 -11.93 3.59
N VAL A 6 25.24 -11.71 2.40
CA VAL A 6 24.34 -10.59 2.16
C VAL A 6 22.91 -11.08 2.01
N LEU A 7 22.04 -10.64 2.92
CA LEU A 7 20.64 -11.04 2.88
C LEU A 7 19.91 -9.91 2.18
N LYS A 8 19.45 -10.16 0.95
CA LYS A 8 18.75 -9.15 0.16
C LYS A 8 17.26 -9.15 0.42
N ILE A 9 16.72 -7.98 0.78
CA ILE A 9 15.30 -7.86 1.06
C ILE A 9 14.60 -6.87 0.12
N PHE A 10 13.57 -7.34 -0.57
CA PHE A 10 12.78 -6.47 -1.44
C PHE A 10 11.52 -6.24 -0.60
N HIS A 11 11.27 -5.02 -0.17
CA HIS A 11 10.10 -4.78 0.65
C HIS A 11 9.31 -3.54 0.31
N ALA A 12 8.03 -3.59 0.68
CA ALA A 12 7.09 -2.49 0.46
C ALA A 12 7.65 -1.20 1.04
N GLY A 13 7.36 -0.08 0.39
CA GLY A 13 7.84 1.19 0.88
C GLY A 13 7.35 1.47 2.29
N SER A 14 6.12 1.08 2.60
CA SER A 14 5.58 1.33 3.93
C SER A 14 6.32 0.57 5.04
N LEU A 15 7.11 -0.43 4.66
CA LEU A 15 7.86 -1.19 5.67
C LEU A 15 9.24 -0.59 5.95
N SER A 16 9.58 0.51 5.32
CA SER A 16 10.89 1.11 5.53
C SER A 16 11.27 1.37 6.99
N VAL A 17 10.39 2.02 7.74
CA VAL A 17 10.71 2.30 9.14
C VAL A 17 10.89 1.05 10.00
N PRO A 18 9.87 0.16 10.02
CA PRO A 18 10.05 -1.04 10.84
C PRO A 18 11.15 -1.98 10.36
N PHE A 19 11.29 -2.15 9.03
CA PHE A 19 12.32 -3.06 8.53
C PHE A 19 13.72 -2.50 8.71
N GLU A 20 13.86 -1.18 8.79
CA GLU A 20 15.17 -0.59 9.02
C GLU A 20 15.59 -1.02 10.43
N GLU A 21 14.62 -1.06 11.34
CA GLU A 21 14.88 -1.46 12.72
C GLU A 21 15.18 -2.96 12.78
N TYR A 22 14.41 -3.76 12.06
CA TYR A 22 14.64 -5.21 12.05
C TYR A 22 16.04 -5.50 11.51
N GLU A 23 16.45 -4.76 10.49
CA GLU A 23 17.78 -4.94 9.89
C GLU A 23 18.85 -4.82 10.96
N LYS A 24 18.82 -3.71 11.69
CA LYS A 24 19.81 -3.45 12.73
C LYS A 24 19.75 -4.49 13.85
N MET A 25 18.55 -4.82 14.29
CA MET A 25 18.39 -5.81 15.36
C MET A 25 18.89 -7.18 14.94
N PHE A 26 18.53 -7.58 13.73
CA PHE A 26 18.93 -8.88 13.21
C PHE A 26 20.45 -8.98 13.09
N GLU A 27 21.07 -7.93 12.58
CA GLU A 27 22.52 -7.94 12.40
C GLU A 27 23.25 -8.03 13.74
N LYS A 28 22.63 -7.49 14.80
CA LYS A 28 23.24 -7.56 16.12
C LYS A 28 23.29 -9.02 16.58
N GLU A 29 22.24 -9.77 16.26
CA GLU A 29 22.17 -11.17 16.64
C GLU A 29 22.87 -12.12 15.67
N HIS A 30 23.09 -11.64 14.45
CA HIS A 30 23.78 -12.43 13.43
C HIS A 30 24.86 -11.53 12.82
N PRO A 31 25.98 -11.36 13.54
CA PRO A 31 27.10 -10.52 13.09
C PRO A 31 27.72 -10.87 11.75
N ASN A 32 27.48 -12.09 11.27
CA ASN A 32 28.03 -12.52 9.99
C ASN A 32 27.10 -12.23 8.82
N VAL A 33 25.96 -11.60 9.09
CA VAL A 33 24.99 -11.29 8.05
C VAL A 33 24.85 -9.80 7.76
N ASP A 34 24.91 -9.45 6.49
CA ASP A 34 24.75 -8.06 6.05
C ASP A 34 23.41 -7.94 5.35
N VAL A 35 22.42 -7.39 6.05
CA VAL A 35 21.10 -7.22 5.48
C VAL A 35 21.06 -6.00 4.58
N GLU A 36 20.64 -6.19 3.33
CA GLU A 36 20.55 -5.09 2.38
C GLU A 36 19.12 -4.95 1.86
N ARG A 37 18.49 -3.85 2.22
CA ARG A 37 17.11 -3.59 1.83
C ARG A 37 16.95 -2.75 0.57
N GLU A 38 15.91 -3.06 -0.20
CA GLU A 38 15.58 -2.34 -1.42
C GLU A 38 14.08 -2.06 -1.35
N PRO A 39 13.71 -0.85 -0.92
CA PRO A 39 12.29 -0.49 -0.83
C PRO A 39 11.69 -0.15 -2.20
N ALA A 40 10.45 -0.55 -2.42
CA ALA A 40 9.74 -0.27 -3.66
C ALA A 40 8.28 -0.65 -3.48
N GLY A 41 7.42 -0.17 -4.37
CA GLY A 41 6.01 -0.54 -4.26
C GLY A 41 5.98 -2.05 -4.30
N SER A 42 5.08 -2.69 -3.56
CA SER A 42 5.06 -4.16 -3.53
C SER A 42 4.91 -4.84 -4.88
N VAL A 43 4.12 -4.28 -5.79
CA VAL A 43 3.96 -4.92 -7.08
C VAL A 43 5.30 -4.84 -7.81
N ALA A 44 5.98 -3.72 -7.67
CA ALA A 44 7.29 -3.54 -8.28
C ALA A 44 8.29 -4.53 -7.67
N CYS A 45 8.18 -4.79 -6.37
CA CYS A 45 9.07 -5.74 -5.69
C CYS A 45 8.89 -7.12 -6.30
N VAL A 46 7.64 -7.53 -6.46
CA VAL A 46 7.32 -8.83 -7.03
C VAL A 46 7.83 -8.90 -8.47
N ARG A 47 7.66 -7.81 -9.22
CA ARG A 47 8.11 -7.77 -10.61
C ARG A 47 9.61 -8.00 -10.75
N LYS A 48 10.39 -7.43 -9.84
CA LYS A 48 11.84 -7.60 -9.88
C LYS A 48 12.19 -9.09 -9.87
N ILE A 49 11.44 -9.84 -9.09
CA ILE A 49 11.65 -11.27 -8.94
C ILE A 49 11.10 -12.15 -10.05
N ILE A 50 9.80 -12.03 -10.35
CA ILE A 50 9.21 -12.90 -11.35
C ILE A 50 9.37 -12.52 -12.81
N ASP A 51 9.77 -11.27 -13.09
CA ASP A 51 9.93 -10.81 -14.47
C ASP A 51 11.32 -10.27 -14.83
N LEU A 52 11.99 -9.65 -13.87
CA LEU A 52 13.28 -9.03 -14.15
C LEU A 52 14.53 -9.82 -13.73
N GLY A 53 14.32 -11.05 -13.29
CA GLY A 53 15.43 -11.91 -12.91
C GLY A 53 16.30 -11.52 -11.73
N LYS A 54 15.78 -10.70 -10.83
CA LYS A 54 16.56 -10.28 -9.67
C LYS A 54 16.35 -11.26 -8.52
N LYS A 55 17.43 -11.54 -7.79
CA LYS A 55 17.40 -12.47 -6.68
C LYS A 55 17.27 -11.79 -5.32
N ALA A 56 16.31 -12.23 -4.53
CA ALA A 56 16.10 -11.70 -3.20
C ALA A 56 15.95 -12.85 -2.22
N ASP A 57 16.34 -12.63 -0.98
CA ASP A 57 16.22 -13.66 0.05
C ASP A 57 14.85 -13.52 0.70
N ILE A 58 14.34 -12.30 0.70
CA ILE A 58 13.03 -12.02 1.29
C ILE A 58 12.23 -11.05 0.46
N LEU A 59 10.95 -11.37 0.29
CA LEU A 59 10.00 -10.52 -0.42
C LEU A 59 8.94 -10.22 0.63
N ALA A 60 8.82 -8.96 1.02
CA ALA A 60 7.83 -8.54 2.02
C ALA A 60 6.88 -7.55 1.36
N SER A 61 5.63 -7.98 1.19
CA SER A 61 4.61 -7.19 0.52
C SER A 61 3.55 -6.59 1.44
N ALA A 62 3.09 -5.38 1.09
CA ALA A 62 2.06 -4.70 1.85
C ALA A 62 0.72 -5.41 1.67
N ASP A 63 0.63 -6.27 0.66
CA ASP A 63 -0.58 -7.04 0.40
C ASP A 63 -0.13 -8.48 0.16
N TYR A 64 -0.42 -9.36 1.11
CA TYR A 64 -0.01 -10.75 1.00
C TYR A 64 -0.54 -11.38 -0.30
N SER A 65 -1.66 -10.85 -0.80
CA SER A 65 -2.29 -11.35 -2.02
C SER A 65 -1.36 -11.54 -3.21
N LEU A 66 -0.40 -10.63 -3.35
CA LEU A 66 0.52 -10.70 -4.47
C LEU A 66 1.35 -11.97 -4.51
N ILE A 67 1.56 -12.59 -3.36
CA ILE A 67 2.36 -13.81 -3.34
C ILE A 67 1.62 -14.96 -4.02
N PRO A 68 0.43 -15.34 -3.53
CA PRO A 68 -0.25 -16.44 -4.23
C PRO A 68 -0.75 -16.06 -5.62
N GLN A 69 -1.12 -14.79 -5.82
CA GLN A 69 -1.63 -14.37 -7.11
C GLN A 69 -0.59 -14.10 -8.19
N MET A 70 0.65 -13.82 -7.80
CA MET A 70 1.69 -13.53 -8.80
C MET A 70 2.97 -14.36 -8.71
N MET A 71 3.30 -14.85 -7.51
CA MET A 71 4.53 -15.60 -7.32
C MET A 71 4.44 -17.11 -7.25
N MET A 72 3.32 -17.63 -6.77
CA MET A 72 3.15 -19.07 -6.63
C MET A 72 2.70 -19.76 -7.92
N PRO A 73 3.26 -20.94 -8.22
CA PRO A 73 4.28 -21.62 -7.41
C PRO A 73 5.72 -21.49 -7.94
N LYS A 74 5.90 -20.81 -9.07
CA LYS A 74 7.23 -20.70 -9.64
C LYS A 74 8.28 -19.99 -8.77
N TYR A 75 7.91 -18.85 -8.20
CA TYR A 75 8.84 -18.09 -7.37
C TYR A 75 8.62 -18.10 -5.86
N ALA A 76 7.55 -18.74 -5.42
CA ALA A 76 7.25 -18.85 -3.99
C ALA A 76 6.41 -20.09 -3.73
N ASP A 77 6.61 -20.70 -2.57
CA ASP A 77 5.89 -21.92 -2.19
C ASP A 77 4.97 -21.68 -1.00
N TRP A 78 5.33 -20.71 -0.19
CA TRP A 78 4.57 -20.39 1.01
C TRP A 78 4.71 -18.92 1.37
N TYR A 79 3.97 -18.50 2.39
CA TYR A 79 4.06 -17.14 2.88
C TYR A 79 3.46 -17.06 4.28
N VAL A 80 3.82 -16.01 4.99
CA VAL A 80 3.30 -15.78 6.33
C VAL A 80 2.71 -14.39 6.39
N MET A 81 1.56 -14.26 7.04
CA MET A 81 0.90 -12.96 7.19
C MET A 81 1.43 -12.43 8.52
N PHE A 82 1.90 -11.18 8.54
CA PHE A 82 2.50 -10.66 9.76
C PHE A 82 2.15 -9.26 10.24
N ALA A 83 1.33 -8.53 9.49
CA ALA A 83 0.96 -7.18 9.93
C ALA A 83 -0.29 -6.68 9.24
N ARG A 84 -0.87 -5.63 9.82
CA ARG A 84 -2.07 -5.00 9.27
C ARG A 84 -1.83 -3.49 9.14
N ASN A 85 -2.83 -2.79 8.64
CA ASN A 85 -2.77 -1.34 8.48
C ASN A 85 -4.15 -0.87 8.03
N GLU A 86 -4.28 0.44 7.81
CA GLU A 86 -5.53 1.01 7.35
C GLU A 86 -5.18 2.27 6.59
N ILE A 87 -6.06 2.70 5.70
CA ILE A 87 -5.81 3.91 4.92
C ILE A 87 -6.39 5.13 5.62
N VAL A 88 -5.63 6.23 5.62
CA VAL A 88 -6.08 7.49 6.20
C VAL A 88 -5.83 8.59 5.17
N LEU A 89 -6.36 9.79 5.43
CA LEU A 89 -6.17 10.93 4.54
C LEU A 89 -5.25 11.90 5.26
N ALA A 90 -3.96 11.89 4.91
CA ALA A 90 -2.98 12.75 5.56
C ALA A 90 -2.84 14.14 4.96
N TYR A 91 -2.37 15.09 5.76
CA TYR A 91 -2.19 16.46 5.30
C TYR A 91 -1.27 17.20 6.28
N THR A 92 -1.01 18.47 5.99
CA THR A 92 -0.17 19.28 6.88
C THR A 92 -0.83 20.64 7.03
N ASP A 93 -0.26 21.50 7.88
CA ASP A 93 -0.84 22.82 8.07
C ASP A 93 -0.82 23.67 6.81
N LYS A 94 -0.08 23.22 5.80
CA LYS A 94 0.02 23.94 4.54
C LYS A 94 -1.10 23.58 3.58
N SER A 95 -1.77 22.46 3.84
CA SER A 95 -2.85 21.99 2.99
C SER A 95 -4.07 22.91 2.98
N LYS A 96 -4.63 23.12 1.80
CA LYS A 96 -5.81 23.97 1.67
C LYS A 96 -7.00 23.43 2.44
N TYR A 97 -7.68 24.33 3.15
CA TYR A 97 -8.88 23.98 3.94
C TYR A 97 -8.61 22.97 5.06
N LYS A 98 -7.37 22.87 5.51
CA LYS A 98 -7.04 21.91 6.56
C LYS A 98 -7.76 22.16 7.89
N ASP A 99 -8.26 23.37 8.11
CA ASP A 99 -8.98 23.64 9.36
C ASP A 99 -10.48 23.52 9.17
N GLU A 100 -10.90 23.09 7.98
CA GLU A 100 -12.32 22.92 7.69
C GLU A 100 -12.67 21.44 7.47
N ILE A 101 -11.70 20.70 6.95
CA ILE A 101 -11.91 19.29 6.66
C ILE A 101 -12.05 18.42 7.91
N ASN A 102 -12.94 17.43 7.85
CA ASN A 102 -13.14 16.53 8.97
C ASN A 102 -13.61 15.16 8.47
N SER A 103 -13.82 14.24 9.40
CA SER A 103 -14.22 12.88 9.04
C SER A 103 -15.58 12.77 8.38
N THR A 104 -16.35 13.86 8.40
CA THR A 104 -17.68 13.86 7.79
C THR A 104 -17.72 14.46 6.39
N ASN A 105 -16.92 15.51 6.17
CA ASN A 105 -16.94 16.21 4.89
C ASN A 105 -15.70 16.03 4.02
N TRP A 106 -14.78 15.17 4.42
CA TRP A 106 -13.54 15.00 3.67
C TRP A 106 -13.65 14.87 2.15
N TYR A 107 -14.51 13.96 1.67
CA TYR A 107 -14.64 13.77 0.24
C TYR A 107 -15.29 14.95 -0.49
N LYS A 108 -15.97 15.81 0.26
CA LYS A 108 -16.59 16.98 -0.34
C LYS A 108 -15.51 18.04 -0.54
N ILE A 109 -14.63 18.18 0.45
CA ILE A 109 -13.54 19.14 0.35
C ILE A 109 -12.62 18.73 -0.80
N LEU A 110 -12.34 17.44 -0.90
CA LEU A 110 -11.45 16.95 -1.97
C LEU A 110 -11.97 17.21 -3.37
N GLN A 111 -13.28 17.44 -3.50
CA GLN A 111 -13.86 17.69 -4.82
C GLN A 111 -13.68 19.13 -5.29
N ARG A 112 -13.19 20.00 -4.40
CA ARG A 112 -12.98 21.38 -4.80
C ARG A 112 -11.86 21.41 -5.83
N PRO A 113 -12.06 22.16 -6.93
CA PRO A 113 -11.08 22.27 -8.01
C PRO A 113 -9.67 22.69 -7.62
N ASP A 114 -9.54 23.50 -6.57
CA ASP A 114 -8.22 23.97 -6.14
C ASP A 114 -7.49 23.05 -5.18
N VAL A 115 -8.11 21.90 -4.88
CA VAL A 115 -7.51 20.94 -3.96
C VAL A 115 -6.87 19.81 -4.77
N LYS A 116 -5.57 19.61 -4.57
CA LYS A 116 -4.83 18.57 -5.28
C LYS A 116 -4.64 17.37 -4.37
N ILE A 117 -4.89 16.17 -4.88
CA ILE A 117 -4.75 14.97 -4.08
C ILE A 117 -3.64 14.08 -4.58
N GLY A 118 -3.03 13.34 -3.66
CA GLY A 118 -1.96 12.45 -4.05
C GLY A 118 -2.19 11.00 -3.66
N PHE A 119 -1.68 10.10 -4.50
CA PHE A 119 -1.76 8.67 -4.25
C PHE A 119 -0.74 8.02 -5.18
N SER A 120 -0.29 6.83 -4.83
CA SER A 120 0.71 6.14 -5.63
C SER A 120 0.10 5.39 -6.81
N ASN A 121 0.97 4.96 -7.73
CA ASN A 121 0.56 4.25 -8.92
C ASN A 121 0.04 2.84 -8.63
N PRO A 122 -1.24 2.56 -8.96
CA PRO A 122 -1.84 1.24 -8.74
C PRO A 122 -1.06 0.11 -9.40
N ASN A 123 -0.35 0.44 -10.48
CA ASN A 123 0.44 -0.56 -11.19
C ASN A 123 1.66 -1.04 -10.41
N ASP A 124 2.16 -0.21 -9.51
CA ASP A 124 3.35 -0.58 -8.75
C ASP A 124 3.18 -0.75 -7.25
N ASP A 125 2.12 -0.16 -6.70
CA ASP A 125 1.98 -0.15 -5.25
C ASP A 125 0.59 -0.44 -4.68
N PRO A 126 0.49 -1.36 -3.72
CA PRO A 126 -0.83 -1.65 -3.14
C PRO A 126 -1.48 -0.40 -2.51
N CYS A 127 -0.68 0.49 -1.93
CA CYS A 127 -1.28 1.67 -1.32
C CYS A 127 -2.04 2.41 -2.42
N GLY A 128 -1.46 2.39 -3.62
CA GLY A 128 -2.07 3.05 -4.76
C GLY A 128 -3.36 2.39 -5.23
N TYR A 129 -3.37 1.07 -5.37
CA TYR A 129 -4.62 0.46 -5.82
C TYR A 129 -5.65 0.43 -4.70
N ARG A 130 -5.19 0.40 -3.46
CA ARG A 130 -6.10 0.43 -2.32
C ARG A 130 -6.81 1.77 -2.25
N THR A 131 -6.11 2.83 -2.63
CA THR A 131 -6.71 4.16 -2.62
C THR A 131 -7.92 4.17 -3.54
N GLN A 132 -7.80 3.50 -4.67
CA GLN A 132 -8.91 3.43 -5.63
C GLN A 132 -10.06 2.66 -4.98
N MET A 133 -9.72 1.57 -4.29
CA MET A 133 -10.72 0.74 -3.63
C MET A 133 -11.43 1.55 -2.55
N VAL A 134 -10.66 2.30 -1.77
CA VAL A 134 -11.21 3.12 -0.71
C VAL A 134 -12.22 4.13 -1.24
N LEU A 135 -11.86 4.82 -2.31
CA LEU A 135 -12.77 5.81 -2.88
C LEU A 135 -14.03 5.18 -3.46
N GLN A 136 -13.91 4.00 -4.08
CA GLN A 136 -15.09 3.35 -4.63
C GLN A 136 -15.98 2.86 -3.47
N LEU A 137 -15.35 2.33 -2.43
CA LEU A 137 -16.12 1.86 -1.26
C LEU A 137 -16.83 3.04 -0.59
N ALA A 138 -16.25 4.23 -0.70
CA ALA A 138 -16.85 5.42 -0.11
C ALA A 138 -18.24 5.70 -0.72
N GLU A 139 -18.40 5.42 -2.00
CA GLU A 139 -19.69 5.65 -2.66
C GLU A 139 -20.78 4.79 -2.04
N LEU A 140 -20.41 3.57 -1.66
CA LEU A 140 -21.36 2.64 -1.07
C LEU A 140 -21.74 3.07 0.35
N TYR A 141 -20.73 3.38 1.16
CA TYR A 141 -20.95 3.79 2.54
C TYR A 141 -21.75 5.09 2.67
N TYR A 142 -21.36 6.10 1.91
CA TYR A 142 -22.03 7.39 1.96
C TYR A 142 -23.25 7.47 1.04
N LYS A 143 -23.50 6.41 0.27
CA LYS A 143 -24.63 6.39 -0.66
C LYS A 143 -24.56 7.64 -1.55
N ASP A 144 -23.39 7.80 -2.16
CA ASP A 144 -23.10 8.93 -3.05
C ASP A 144 -22.31 8.34 -4.22
N PRO A 145 -22.97 8.13 -5.37
CA PRO A 145 -22.32 7.56 -6.55
C PRO A 145 -21.45 8.52 -7.35
N THR A 146 -21.15 9.70 -6.81
CA THR A 146 -20.35 10.66 -7.55
C THR A 146 -18.93 10.85 -7.05
N ILE A 147 -18.63 10.33 -5.87
CA ILE A 147 -17.32 10.50 -5.26
C ILE A 147 -16.10 10.07 -6.09
N TYR A 148 -16.07 8.80 -6.46
CA TYR A 148 -14.93 8.29 -7.22
C TYR A 148 -14.88 8.88 -8.63
N ASP A 149 -16.07 9.06 -9.21
CA ASP A 149 -16.17 9.61 -10.55
C ASP A 149 -15.64 11.04 -10.58
N ASN A 150 -16.06 11.86 -9.62
CA ASN A 150 -15.61 13.25 -9.59
C ASN A 150 -14.15 13.45 -9.19
N LEU A 151 -13.65 12.62 -8.29
CA LEU A 151 -12.28 12.76 -7.83
C LEU A 151 -11.21 12.15 -8.74
N VAL A 152 -11.50 10.98 -9.31
CA VAL A 152 -10.52 10.29 -10.13
C VAL A 152 -10.90 9.94 -11.57
N LEU A 153 -12.10 9.39 -11.77
CA LEU A 153 -12.48 9.00 -13.12
C LEU A 153 -12.51 10.16 -14.11
N LYS A 154 -12.95 11.33 -13.67
CA LYS A 154 -13.00 12.50 -14.54
C LYS A 154 -11.64 13.19 -14.66
N HIS A 155 -10.65 12.62 -13.98
CA HIS A 155 -9.30 13.19 -13.99
C HIS A 155 -8.23 12.17 -14.34
N SER A 156 -8.63 11.06 -14.95
CA SER A 156 -7.69 10.01 -15.30
C SER A 156 -8.29 9.09 -16.36
N ASN A 157 -7.53 8.08 -16.75
CA ASN A 157 -8.02 7.12 -17.72
C ASN A 157 -8.42 5.81 -17.06
N ILE A 158 -8.67 5.87 -15.74
CA ILE A 158 -9.11 4.71 -14.99
C ILE A 158 -10.60 4.59 -15.29
N LYS A 159 -11.10 3.36 -15.38
CA LYS A 159 -12.52 3.13 -15.64
C LYS A 159 -13.07 2.12 -14.65
N VAL A 160 -14.40 2.06 -14.55
CA VAL A 160 -15.03 1.12 -13.65
C VAL A 160 -16.21 0.42 -14.31
N GLU A 161 -16.34 -0.87 -14.06
CA GLU A 161 -17.44 -1.66 -14.59
C GLU A 161 -18.27 -2.08 -13.38
N GLU A 162 -19.58 -1.86 -13.46
CA GLU A 162 -20.45 -2.23 -12.35
C GLU A 162 -21.37 -3.35 -12.81
N ASN A 163 -21.52 -4.36 -11.96
CA ASN A 163 -22.36 -5.51 -12.28
C ASN A 163 -22.80 -6.24 -11.01
N ASN A 164 -24.11 -6.44 -10.88
CA ASN A 164 -24.68 -7.15 -9.74
C ASN A 164 -24.31 -6.58 -8.37
N GLY A 165 -24.23 -5.25 -8.26
CA GLY A 165 -23.91 -4.64 -6.99
C GLY A 165 -22.42 -4.63 -6.64
N THR A 166 -21.60 -5.19 -7.52
CA THR A 166 -20.16 -5.22 -7.27
C THR A 166 -19.47 -4.30 -8.28
N TYR A 167 -18.21 -3.95 -7.99
CA TYR A 167 -17.47 -3.04 -8.84
C TYR A 167 -16.10 -3.58 -9.22
N LEU A 168 -15.70 -3.32 -10.46
CA LEU A 168 -14.39 -3.73 -10.94
C LEU A 168 -13.69 -2.50 -11.50
N ILE A 169 -12.63 -2.07 -10.82
CA ILE A 169 -11.86 -0.91 -11.24
C ILE A 169 -10.80 -1.36 -12.24
N LEU A 170 -10.78 -0.72 -13.40
CA LEU A 170 -9.83 -1.08 -14.46
C LEU A 170 -8.68 -0.08 -14.56
N VAL A 171 -7.48 -0.51 -14.16
CA VAL A 171 -6.31 0.34 -14.22
C VAL A 171 -5.46 0.01 -15.43
N PRO A 172 -5.32 0.96 -16.37
CA PRO A 172 -4.53 0.75 -17.59
C PRO A 172 -3.03 0.69 -17.31
N LYS A 173 -2.29 0.01 -18.20
CA LYS A 173 -0.85 -0.12 -18.08
C LYS A 173 -0.21 1.25 -17.93
N GLU A 174 -0.59 2.16 -18.81
CA GLU A 174 -0.07 3.52 -18.79
C GLU A 174 -1.12 4.44 -18.18
N LEU A 175 -0.94 4.76 -16.91
CA LEU A 175 -1.87 5.64 -16.20
C LEU A 175 -1.65 7.09 -16.60
N ASP A 176 -2.74 7.76 -16.98
CA ASP A 176 -2.66 9.16 -17.38
C ASP A 176 -3.63 9.92 -16.49
N VAL A 177 -3.12 10.91 -15.77
CA VAL A 177 -3.95 11.70 -14.88
C VAL A 177 -3.79 13.19 -15.15
N ASP A 178 -4.79 13.96 -14.72
CA ASP A 178 -4.78 15.40 -14.85
C ASP A 178 -3.89 15.85 -13.69
N THR A 179 -2.66 16.27 -14.00
CA THR A 179 -1.71 16.67 -12.97
C THR A 179 -2.08 17.93 -12.20
N ASN A 180 -3.13 18.63 -12.64
CA ASN A 180 -3.56 19.82 -11.92
C ASN A 180 -4.47 19.39 -10.78
N LYS A 181 -4.83 18.11 -10.78
CA LYS A 181 -5.72 17.57 -9.76
C LYS A 181 -5.13 16.38 -9.01
N LEU A 182 -4.44 15.50 -9.72
CA LEU A 182 -3.85 14.31 -9.11
C LEU A 182 -2.32 14.26 -9.18
N PHE A 183 -1.71 14.09 -8.02
CA PHE A 183 -0.25 14.01 -7.90
C PHE A 183 0.10 12.55 -7.66
N VAL A 184 0.69 11.91 -8.67
CA VAL A 184 1.02 10.49 -8.57
C VAL A 184 2.48 10.15 -8.73
N ARG A 185 2.96 9.23 -7.89
CA ARG A 185 4.34 8.76 -7.95
C ARG A 185 4.30 7.24 -7.77
N SER A 186 5.42 6.56 -8.06
CA SER A 186 5.46 5.10 -7.99
C SER A 186 4.98 4.45 -6.69
N LYS A 187 5.53 4.86 -5.56
CA LYS A 187 5.11 4.27 -4.28
C LYS A 187 4.69 5.35 -3.30
N GLU A 188 3.85 4.98 -2.34
CA GLU A 188 3.33 5.96 -1.38
C GLU A 188 4.37 6.77 -0.62
N THR A 189 5.49 6.17 -0.23
CA THR A 189 6.49 6.94 0.51
C THR A 189 7.15 8.01 -0.36
N ASP A 190 7.01 7.91 -1.68
CA ASP A 190 7.57 8.90 -2.59
C ASP A 190 6.78 10.21 -2.51
N LEU A 191 5.59 10.13 -1.91
CA LEU A 191 4.71 11.29 -1.82
C LEU A 191 4.84 12.13 -0.55
N LEU A 192 5.60 11.64 0.42
CA LEU A 192 5.79 12.35 1.69
C LEU A 192 6.50 13.69 1.52
N ALA A 193 7.65 13.68 0.85
CA ALA A 193 8.41 14.91 0.64
C ALA A 193 7.57 15.98 -0.07
N PRO A 194 6.88 15.61 -1.17
CA PRO A 194 6.06 16.59 -1.89
C PRO A 194 4.92 17.15 -1.03
N LEU A 195 4.30 16.29 -0.22
CA LEU A 195 3.22 16.74 0.65
C LEU A 195 3.72 17.78 1.65
N GLU A 196 4.86 17.48 2.27
CA GLU A 196 5.44 18.39 3.26
C GLU A 196 5.86 19.71 2.62
N ALA A 197 6.21 19.67 1.34
CA ALA A 197 6.62 20.86 0.61
C ALA A 197 5.40 21.61 0.07
N GLY A 198 4.22 21.03 0.27
CA GLY A 198 3.00 21.67 -0.20
C GLY A 198 2.75 21.52 -1.69
N ALA A 199 3.32 20.49 -2.31
CA ALA A 199 3.12 20.26 -3.74
C ALA A 199 1.66 19.90 -4.00
N PHE A 200 1.03 19.25 -3.02
CA PHE A 200 -0.38 18.90 -3.13
C PHE A 200 -0.98 19.01 -1.73
N ASP A 201 -2.30 18.84 -1.63
CA ASP A 201 -2.97 19.02 -0.34
C ASP A 201 -3.27 17.83 0.56
N TYR A 202 -3.83 16.77 -0.02
CA TYR A 202 -4.16 15.60 0.76
C TYR A 202 -3.60 14.34 0.16
N LEU A 203 -3.08 13.49 1.04
CA LEU A 203 -2.44 12.24 0.64
C LEU A 203 -3.11 10.99 1.21
N PHE A 204 -3.48 10.06 0.33
CA PHE A 204 -4.06 8.81 0.79
C PHE A 204 -2.86 7.91 1.09
N ILE A 205 -2.75 7.46 2.34
CA ILE A 205 -1.61 6.63 2.74
C ILE A 205 -1.92 5.85 4.02
N TYR A 206 -1.07 4.86 4.32
CA TYR A 206 -1.26 4.05 5.51
C TYR A 206 -1.16 4.87 6.80
N LYS A 207 -1.99 4.52 7.78
CA LYS A 207 -1.99 5.19 9.07
C LYS A 207 -0.61 5.08 9.71
N SER A 208 0.03 3.91 9.58
CA SER A 208 1.34 3.71 10.18
C SER A 208 2.37 4.71 9.65
N VAL A 209 2.38 4.89 8.33
CA VAL A 209 3.33 5.81 7.70
C VAL A 209 3.06 7.25 8.13
N ALA A 210 1.78 7.61 8.21
CA ALA A 210 1.41 8.96 8.62
C ALA A 210 1.92 9.23 10.04
N ASN A 211 1.73 8.26 10.93
CA ASN A 211 2.19 8.45 12.31
C ASN A 211 3.71 8.45 12.42
N GLN A 212 4.37 7.65 11.57
CA GLN A 212 5.82 7.59 11.57
C GLN A 212 6.46 8.91 11.17
N HIS A 213 5.78 9.64 10.29
CA HIS A 213 6.28 10.92 9.80
C HIS A 213 5.57 12.11 10.43
N HIS A 214 4.87 11.83 11.53
CA HIS A 214 4.16 12.86 12.29
C HIS A 214 3.22 13.74 11.47
N LEU A 215 2.48 13.13 10.56
CA LEU A 215 1.55 13.87 9.72
C LEU A 215 0.16 13.89 10.35
N LYS A 216 -0.57 14.96 10.13
CA LYS A 216 -1.93 15.04 10.63
C LYS A 216 -2.76 14.23 9.63
N TYR A 217 -3.89 13.69 10.08
CA TYR A 217 -4.72 12.92 9.17
C TYR A 217 -6.15 12.77 9.63
N ILE A 218 -7.02 12.54 8.66
CA ILE A 218 -8.43 12.34 8.91
C ILE A 218 -8.66 10.83 8.88
N GLU A 219 -9.36 10.32 9.89
CA GLU A 219 -9.66 8.90 9.94
C GLU A 219 -10.83 8.63 9.01
N LEU A 220 -10.78 7.51 8.30
CA LEU A 220 -11.84 7.13 7.38
C LEU A 220 -12.68 6.01 7.98
N PRO A 221 -13.93 5.86 7.52
CA PRO A 221 -14.83 4.83 8.03
C PRO A 221 -14.26 3.41 7.93
N LYS A 222 -14.53 2.59 8.93
CA LYS A 222 -14.07 1.22 8.91
C LYS A 222 -14.68 0.51 7.69
N GLU A 223 -15.83 1.01 7.24
CA GLU A 223 -16.49 0.41 6.09
C GLU A 223 -15.75 0.65 4.78
N ILE A 224 -14.73 1.50 4.80
CA ILE A 224 -13.98 1.79 3.58
C ILE A 224 -12.46 1.80 3.72
N ASN A 225 -11.94 1.93 4.94
CA ASN A 225 -10.48 2.04 5.12
C ASN A 225 -9.62 0.78 5.06
N LEU A 226 -10.25 -0.36 4.80
CA LEU A 226 -9.54 -1.65 4.67
C LEU A 226 -8.73 -2.10 5.87
N GLY A 227 -9.01 -1.56 7.05
CA GLY A 227 -8.22 -1.96 8.20
C GLY A 227 -8.84 -3.01 9.10
N TYR A 228 -10.10 -3.36 8.87
CA TYR A 228 -10.78 -4.31 9.76
C TYR A 228 -11.36 -5.57 9.13
N TYR A 229 -10.97 -6.72 9.65
CA TYR A 229 -11.42 -8.01 9.13
C TYR A 229 -12.93 -8.21 9.25
N GLU A 230 -13.57 -7.51 10.19
CA GLU A 230 -15.00 -7.65 10.37
C GLU A 230 -15.78 -7.01 9.22
N TYR A 231 -15.09 -6.23 8.39
CA TYR A 231 -15.74 -5.58 7.26
C TYR A 231 -15.32 -6.16 5.92
N ALA A 232 -14.64 -7.31 5.95
CA ALA A 232 -14.17 -7.94 4.72
C ALA A 232 -15.29 -8.20 3.72
N ASP A 233 -16.48 -8.54 4.23
CA ASP A 233 -17.62 -8.81 3.35
C ASP A 233 -18.06 -7.54 2.60
N THR A 234 -17.86 -6.39 3.22
CA THR A 234 -18.20 -5.12 2.59
C THR A 234 -17.11 -4.75 1.59
N TYR A 235 -15.86 -4.89 2.00
CA TYR A 235 -14.73 -4.55 1.13
C TYR A 235 -14.76 -5.32 -0.19
N LYS A 236 -15.02 -6.62 -0.13
CA LYS A 236 -15.02 -7.46 -1.34
C LYS A 236 -16.03 -7.12 -2.42
N LYS A 237 -16.85 -6.11 -2.19
CA LYS A 237 -17.82 -5.69 -3.20
C LYS A 237 -17.07 -4.91 -4.28
N VAL A 238 -15.80 -4.63 -3.99
CA VAL A 238 -14.95 -3.89 -4.93
C VAL A 238 -13.68 -4.68 -5.22
N ALA A 239 -13.27 -4.67 -6.48
CA ALA A 239 -12.05 -5.35 -6.91
C ALA A 239 -11.36 -4.45 -7.92
N LEU A 240 -10.06 -4.67 -8.12
CA LEU A 240 -9.31 -3.87 -9.07
C LEU A 240 -8.48 -4.76 -9.99
N LYS A 241 -8.53 -4.44 -11.28
CA LYS A 241 -7.79 -5.21 -12.27
C LYS A 241 -6.62 -4.42 -12.81
N ILE A 242 -5.42 -4.99 -12.66
CA ILE A 242 -4.21 -4.38 -13.19
C ILE A 242 -4.17 -4.96 -14.59
N ILE A 243 -4.70 -4.22 -15.55
CA ILE A 243 -4.78 -4.66 -16.94
C ILE A 243 -3.46 -5.20 -17.49
N ALA A 244 -2.37 -4.50 -17.19
CA ALA A 244 -1.04 -4.89 -17.67
C ALA A 244 -0.68 -6.34 -17.36
N LYS A 245 -1.13 -6.84 -16.21
CA LYS A 245 -0.81 -8.21 -15.82
C LYS A 245 -2.01 -9.15 -15.84
N ASN A 246 -3.17 -8.62 -16.23
CA ASN A 246 -4.40 -9.41 -16.29
C ASN A 246 -4.63 -10.10 -14.94
N LYS A 247 -4.44 -9.34 -13.87
CA LYS A 247 -4.63 -9.85 -12.52
C LYS A 247 -5.67 -8.99 -11.82
N THR A 248 -6.65 -9.64 -11.19
CA THR A 248 -7.69 -8.92 -10.46
C THR A 248 -7.49 -9.18 -8.96
N ILE A 249 -7.43 -8.10 -8.19
CA ILE A 249 -7.23 -8.19 -6.74
C ILE A 249 -8.47 -7.67 -6.02
N ASN A 250 -9.01 -8.45 -5.10
CA ASN A 250 -10.18 -8.01 -4.36
C ASN A 250 -9.79 -7.04 -3.26
N ALA A 251 -10.66 -6.08 -2.98
CA ALA A 251 -10.41 -5.15 -1.88
C ALA A 251 -10.61 -6.06 -0.66
N LYS A 252 -9.70 -5.98 0.29
CA LYS A 252 -9.79 -6.81 1.49
C LYS A 252 -9.00 -6.16 2.61
N PRO A 253 -9.15 -6.66 3.85
CA PRO A 253 -8.42 -6.07 4.97
C PRO A 253 -6.93 -6.08 4.66
N ILE A 254 -6.24 -4.98 4.97
CA ILE A 254 -4.82 -4.87 4.70
C ILE A 254 -4.03 -5.84 5.58
N VAL A 255 -3.37 -6.79 4.92
CA VAL A 255 -2.56 -7.77 5.60
C VAL A 255 -1.25 -7.95 4.83
N TYR A 256 -0.14 -7.69 5.50
CA TYR A 256 1.19 -7.81 4.90
C TYR A 256 1.62 -9.27 4.86
N GLY A 257 2.31 -9.65 3.78
CA GLY A 257 2.78 -11.01 3.64
C GLY A 257 4.27 -11.06 3.34
N MET A 258 4.92 -12.12 3.79
CA MET A 258 6.34 -12.27 3.56
C MET A 258 6.67 -13.69 3.11
N THR A 259 7.66 -13.82 2.24
CA THR A 259 8.08 -15.13 1.78
C THR A 259 9.56 -15.13 1.42
N VAL A 260 10.11 -16.33 1.27
CA VAL A 260 11.49 -16.51 0.87
C VAL A 260 11.34 -17.11 -0.53
N PRO A 261 11.78 -16.38 -1.56
CA PRO A 261 11.68 -16.86 -2.94
C PRO A 261 12.35 -18.22 -3.17
N THR A 262 11.82 -18.97 -4.14
CA THR A 262 12.36 -20.29 -4.46
C THR A 262 13.81 -20.22 -4.91
N ASN A 263 14.23 -19.06 -5.42
CA ASN A 263 15.60 -18.90 -5.86
C ASN A 263 16.42 -18.02 -4.92
N ALA A 264 16.01 -17.94 -3.67
CA ALA A 264 16.73 -17.16 -2.68
C ALA A 264 18.11 -17.77 -2.48
N PRO A 265 19.17 -16.96 -2.50
CA PRO A 265 20.54 -17.42 -2.33
C PRO A 265 20.87 -18.01 -0.96
N HIS A 266 20.24 -17.47 0.09
CA HIS A 266 20.50 -17.94 1.45
C HIS A 266 19.23 -18.24 2.21
N LYS A 267 18.59 -19.35 1.86
CA LYS A 267 17.33 -19.75 2.48
C LYS A 267 17.34 -19.94 3.99
N LYS A 268 18.39 -20.54 4.53
CA LYS A 268 18.45 -20.77 5.97
C LYS A 268 18.40 -19.44 6.73
N GLU A 269 19.25 -18.50 6.34
CA GLU A 269 19.30 -17.20 6.99
C GLU A 269 18.04 -16.39 6.72
N ALA A 270 17.47 -16.57 5.53
CA ALA A 270 16.26 -15.85 5.17
C ALA A 270 15.13 -16.27 6.11
N ILE A 271 15.03 -17.58 6.35
CA ILE A 271 13.99 -18.09 7.23
C ILE A 271 14.23 -17.58 8.67
N GLU A 272 15.49 -17.45 9.06
CA GLU A 272 15.78 -16.94 10.39
C GLU A 272 15.26 -15.52 10.52
N PHE A 273 15.38 -14.74 9.45
CA PHE A 273 14.91 -13.36 9.45
C PHE A 273 13.39 -13.33 9.57
N VAL A 274 12.72 -14.17 8.78
CA VAL A 274 11.27 -14.24 8.82
C VAL A 274 10.81 -14.52 10.24
N LYS A 275 11.44 -15.50 10.89
CA LYS A 275 11.09 -15.87 12.26
C LYS A 275 11.41 -14.75 13.24
N PHE A 276 12.46 -14.01 12.96
CA PHE A 276 12.87 -12.90 13.82
C PHE A 276 11.78 -11.83 13.82
N VAL A 277 11.27 -11.53 12.63
CA VAL A 277 10.20 -10.53 12.49
C VAL A 277 8.97 -10.99 13.26
N LEU A 278 8.56 -12.24 13.06
CA LEU A 278 7.38 -12.76 13.74
C LEU A 278 7.58 -12.80 15.25
N GLY A 279 8.83 -13.00 15.67
CA GLY A 279 9.12 -13.05 17.10
C GLY A 279 9.28 -11.68 17.74
N HIS A 280 9.28 -10.64 16.93
CA HIS A 280 9.43 -9.27 17.43
C HIS A 280 8.36 -8.33 16.89
N PRO A 281 7.08 -8.59 17.23
CA PRO A 281 5.96 -7.76 16.77
C PRO A 281 5.98 -6.33 17.33
N GLU A 282 6.70 -6.12 18.43
CA GLU A 282 6.76 -4.79 19.02
C GLU A 282 7.37 -3.76 18.06
N VAL A 283 8.24 -4.20 17.17
CA VAL A 283 8.87 -3.29 16.22
C VAL A 283 7.79 -2.71 15.30
N LEU A 284 6.81 -3.52 14.95
CA LEU A 284 5.72 -3.05 14.10
C LEU A 284 4.77 -2.16 14.92
N GLU A 285 4.36 -2.67 16.08
CA GLU A 285 3.44 -1.94 16.95
C GLU A 285 3.99 -0.59 17.43
N ASN A 286 5.24 -0.56 17.86
CA ASN A 286 5.83 0.68 18.33
C ASN A 286 6.04 1.68 17.20
N ASN A 287 5.84 1.22 15.97
CA ASN A 287 6.00 2.09 14.82
C ASN A 287 4.68 2.34 14.08
N GLY A 288 3.58 2.09 14.76
CA GLY A 288 2.27 2.34 14.17
C GLY A 288 1.53 1.25 13.42
N GLN A 289 2.05 0.03 13.41
CA GLN A 289 1.38 -1.05 12.70
C GLN A 289 0.90 -2.18 13.58
N PRO A 290 -0.37 -2.57 13.43
CA PRO A 290 -0.95 -3.66 14.22
C PRO A 290 -0.32 -4.98 13.76
N ALA A 291 0.43 -5.62 14.63
CA ALA A 291 1.06 -6.88 14.28
C ALA A 291 0.03 -8.01 14.37
N ILE A 292 0.27 -9.09 13.65
CA ILE A 292 -0.64 -10.23 13.67
C ILE A 292 0.18 -11.53 13.68
#